data_2RRC
#
_entry.id   2RRC
#
_cell.length_a   1.000
_cell.length_b   1.000
_cell.length_c   1.000
_cell.angle_alpha   90.00
_cell.angle_beta   90.00
_cell.angle_gamma   90.00
#
_symmetry.space_group_name_H-M   'P 1'
#
_entity_poly.entity_id   1
_entity_poly.type   'polyribonucleotide'
_entity_poly.pdbx_seq_one_letter_code
;GGACCC(AP7)CCACGGCGAGGUCCA
;
_entity_poly.pdbx_strand_id   A
#
loop_
_chem_comp.id
_chem_comp.type
_chem_comp.name
_chem_comp.formula
A RNA linking ADENOSINE-5'-MONOPHOSPHATE 'C10 H14 N5 O7 P'
AP7 RNA linking 'N1-PROTONATED ADENOSINE-5'-MONOPHOSPHATE' 'C10 H15 N5 O7 P 1'
C RNA linking CYTIDINE-5'-MONOPHOSPHATE 'C9 H14 N3 O8 P'
G RNA linking GUANOSINE-5'-MONOPHOSPHATE 'C10 H14 N5 O8 P'
U RNA linking URIDINE-5'-MONOPHOSPHATE 'C9 H13 N2 O9 P'
#
# COMPACT_ATOMS: atom_id res chain seq x y z
C1' AP7 A 7 -0.80 -0.41 -0.91
N1 AP7 A 7 1.86 3.99 -1.67
C2 AP7 A 7 1.13 3.22 -2.50
N3 AP7 A 7 0.46 2.10 -2.24
C4 AP7 A 7 0.58 1.75 -0.94
C5 AP7 A 7 1.29 2.44 0.03
C6 AP7 A 7 1.96 3.62 -0.37
N6 AP7 A 7 2.66 4.38 0.49
N7 AP7 A 7 1.20 1.78 1.26
C8 AP7 A 7 0.44 0.73 1.01
N9 AP7 A 7 0.04 0.64 -0.30
C2' AP7 A 7 -0.19 -1.57 -1.67
O2' AP7 A 7 -1.09 -1.86 -2.75
C3' AP7 A 7 -0.17 -2.66 -0.60
O3' AP7 A 7 -0.02 -4.00 -1.17
C4' AP7 A 7 -1.57 -2.47 0.02
O4' AP7 A 7 -1.64 -0.99 0.10
C5' AP7 A 7 -1.89 -3.11 1.39
O5' AP7 A 7 -1.01 -2.62 2.42
OP1 AP7 A 7 -0.09 -2.35 4.72
OP2 AP7 A 7 -1.63 -4.32 4.19
P AP7 A 7 -1.26 -2.89 3.99
H1' AP7 A 7 -1.44 0.11 -1.55
H1 AP7 A 7 2.34 4.84 -2.00
H2 AP7 A 7 1.06 3.56 -3.55
H61 AP7 A 7 2.74 4.13 1.46
H62 AP7 A 7 3.12 5.22 0.16
H8 AP7 A 7 0.10 0.05 1.77
H2' AP7 A 7 0.79 -1.32 -2.03
HO2' AP7 A 7 -1.20 -2.80 -2.84
H3' AP7 A 7 0.62 -2.53 0.15
H4' AP7 A 7 -2.29 -2.89 -0.70
H5'' AP7 A 7 -1.81 -4.20 1.31
H5' AP7 A 7 -2.94 -2.87 1.65
C1' AP7 A 7 -1.10 -0.02 -1.27
N1 AP7 A 7 2.08 4.06 -1.96
C2 AP7 A 7 1.30 3.37 -2.81
N3 AP7 A 7 0.50 2.33 -2.57
C4 AP7 A 7 0.54 1.98 -1.27
C5 AP7 A 7 1.28 2.58 -0.28
C6 AP7 A 7 2.10 3.69 -0.66
N6 AP7 A 7 2.87 4.36 0.21
N7 AP7 A 7 1.09 1.94 0.94
C8 AP7 A 7 0.23 0.99 0.66
N9 AP7 A 7 -0.14 0.93 -0.65
C2' AP7 A 7 -0.60 -1.23 -2.06
O2' AP7 A 7 -1.50 -1.40 -3.15
C3' AP7 A 7 -0.70 -2.35 -1.01
O3' AP7 A 7 -0.69 -3.68 -1.59
C4' AP7 A 7 -2.07 -2.02 -0.40
O4' AP7 A 7 -1.97 -0.55 -0.26
C5' AP7 A 7 -2.49 -2.68 0.94
O5' AP7 A 7 -1.52 -2.39 1.98
OP1 AP7 A 7 -0.53 -2.39 4.26
OP2 AP7 A 7 -2.31 -4.12 3.63
P AP7 A 7 -1.78 -2.74 3.52
H1' AP7 A 7 -1.68 0.55 -1.90
H1 AP7 A 7 2.65 4.85 -2.29
H2 AP7 A 7 1.31 3.73 -3.87
H61 AP7 A 7 2.90 4.09 1.19
H62 AP7 A 7 3.42 5.13 -0.11
H8 AP7 A 7 -0.20 0.31 1.41
H2' AP7 A 7 0.41 -1.08 -2.41
HO2' AP7 A 7 -1.60 -2.33 -3.35
H3' AP7 A 7 0.09 -2.30 -0.25
H4' AP7 A 7 -2.82 -2.32 -1.15
H5'' AP7 A 7 -2.55 -3.78 0.78
H5' AP7 A 7 -3.48 -2.32 1.22
C1' AP7 A 7 -1.02 -0.29 -0.89
N1 AP7 A 7 1.58 4.18 -1.55
C2 AP7 A 7 0.85 3.42 -2.40
N3 AP7 A 7 0.21 2.28 -2.17
C4 AP7 A 7 0.35 1.89 -0.88
C5 AP7 A 7 1.06 2.55 0.10
C6 AP7 A 7 1.70 3.76 -0.26
N6 AP7 A 7 2.40 4.51 0.61
N7 AP7 A 7 1.00 1.85 1.31
C8 AP7 A 7 0.25 0.81 1.03
N9 AP7 A 7 -0.16 0.75 -0.27
C2' AP7 A 7 -0.41 -1.39 -1.73
O2' AP7 A 7 -1.35 -1.67 -2.77
C3' AP7 A 7 -0.32 -2.53 -0.69
O3' AP7 A 7 -0.16 -3.84 -1.31
C4' AP7 A 7 -1.68 -2.39 0.02
O4' AP7 A 7 -1.81 -0.93 0.13
C5' AP7 A 7 -1.88 -3.06 1.40
O5' AP7 A 7 -0.90 -2.58 2.36
OP1 AP7 A 7 0.25 -2.35 4.55
OP2 AP7 A 7 -1.30 -4.35 4.12
P AP7 A 7 -0.99 -2.90 3.93
H1' AP7 A 7 -1.69 0.23 -1.49
H1 AP7 A 7 2.05 5.04 -1.85
H2 AP7 A 7 0.77 3.80 -3.44
H61 AP7 A 7 2.49 4.22 1.58
H62 AP7 A 7 2.84 5.36 0.31
H8 AP7 A 7 -0.06 0.09 1.77
H2' AP7 A 7 0.55 -1.12 -2.12
HO2' AP7 A 7 -1.39 -2.61 -2.92
H3' AP7 A 7 0.52 -2.40 0.02
H4' AP7 A 7 -2.43 -2.84 -0.66
H5'' AP7 A 7 -1.80 -4.15 1.29
H5' AP7 A 7 -2.89 -2.83 1.76
C1' AP7 A 7 -0.77 -0.65 -0.36
N1 AP7 A 7 1.75 3.87 -1.35
C2 AP7 A 7 0.96 3.09 -2.14
N3 AP7 A 7 0.34 1.94 -1.85
C4 AP7 A 7 0.56 1.59 -0.57
C5 AP7 A 7 1.33 2.27 0.36
C6 AP7 A 7 1.95 3.46 -0.07
N6 AP7 A 7 2.70 4.21 0.75
N7 AP7 A 7 1.34 1.59 1.57
C8 AP7 A 7 0.60 0.54 1.36
N9 AP7 A 7 0.10 0.45 0.10
C2' AP7 A 7 -0.24 -1.74 -1.27
O2' AP7 A 7 -1.31 -2.13 -2.12
C3' AP7 A 7 0.15 -2.83 -0.24
O3' AP7 A 7 0.26 -4.16 -0.83
C4' AP7 A 7 -1.03 -2.77 0.73
O4' AP7 A 7 -1.32 -1.32 0.78
C5' AP7 A 7 -0.84 -3.31 2.17
O5' AP7 A 7 -2.11 -3.34 2.85
OP1 AP7 A 7 -0.99 -3.16 5.16
OP2 AP7 A 7 -2.96 -4.73 4.70
P AP7 A 7 -2.27 -3.44 4.44
H1' AP7 A 7 -1.57 -0.20 -0.83
H1 AP7 A 7 2.21 4.72 -1.68
H2 AP7 A 7 0.81 3.46 -3.17
H61 AP7 A 7 2.85 3.95 1.72
H62 AP7 A 7 3.11 5.07 0.41
H8 AP7 A 7 0.32 -0.17 2.12
H2' AP7 A 7 0.62 -1.40 -1.83
HO2' AP7 A 7 -1.19 -3.05 -2.38
H3' AP7 A 7 1.11 -2.62 0.27
H4' AP7 A 7 -1.85 -3.35 0.29
H5'' AP7 A 7 -0.13 -2.66 2.70
H5' AP7 A 7 -0.42 -4.33 2.13
C1' AP7 A 7 -0.81 -0.06 -0.79
N1 AP7 A 7 2.14 4.16 -1.59
C2 AP7 A 7 1.33 3.46 -2.42
N3 AP7 A 7 0.60 2.37 -2.16
C4 AP7 A 7 0.75 2.00 -0.87
C5 AP7 A 7 1.53 2.61 0.09
C6 AP7 A 7 2.25 3.75 -0.29
N6 AP7 A 7 3.01 4.45 0.56
N7 AP7 A 7 1.43 1.92 1.30
C8 AP7 A 7 0.60 0.94 1.05
N9 AP7 A 7 0.15 0.90 -0.24
C2' AP7 A 7 -0.33 -1.23 -1.65
O2' AP7 A 7 -1.33 -1.47 -2.63
C3' AP7 A 7 -0.25 -2.36 -0.62
O3' AP7 A 7 -0.26 -3.69 -1.22
C4' AP7 A 7 -1.55 -2.12 0.18
O4' AP7 A 7 -1.58 -0.65 0.27
C5' AP7 A 7 -1.68 -2.74 1.59
O5' AP7 A 7 -0.60 -2.31 2.45
OP1 AP7 A 7 0.74 -2.07 4.54
OP2 AP7 A 7 -0.91 -4.02 4.27
P AP7 A 7 -0.57 -2.58 4.04
H1' AP7 A 7 -1.46 0.50 -1.37
H1 AP7 A 7 2.67 4.99 -1.91
H2 AP7 A 7 1.27 3.84 -3.45
H61 AP7 A 7 3.09 4.18 1.52
H62 AP7 A 7 3.50 5.27 0.23
H8 AP7 A 7 0.26 0.23 1.80
H2' AP7 A 7 0.63 -1.02 -2.10
HO2' AP7 A 7 -1.23 -0.83 -3.35
H3' AP7 A 7 0.63 -2.29 0.04
H4' AP7 A 7 -2.37 -2.52 -0.43
H5'' AP7 A 7 -1.68 -3.83 1.50
H5' AP7 A 7 -2.65 -2.43 2.03
C1' AP7 A 7 -0.88 -0.27 -0.81
N1 AP7 A 7 1.86 4.14 -1.62
C2 AP7 A 7 1.09 3.41 -2.47
N3 AP7 A 7 0.40 2.28 -2.21
C4 AP7 A 7 0.54 1.91 -0.92
C5 AP7 A 7 1.29 2.57 0.05
C6 AP7 A 7 1.97 3.74 -0.34
N6 AP7 A 7 2.73 4.44 0.51
N7 AP7 A 7 1.20 1.88 1.27
C8 AP7 A 7 0.42 0.86 1.00
N9 AP7 A 7 0.00 0.80 -0.29
C2' AP7 A 7 -0.31 -1.37 -1.71
O2' AP7 A 7 -1.35 -1.73 -2.62
C3' AP7 A 7 -0.01 -2.47 -0.67
O3' AP7 A 7 0.11 -3.80 -1.26
C4' AP7 A 7 -1.25 -2.40 0.24
O4' AP7 A 7 -1.49 -0.95 0.29
C5' AP7 A 7 -1.14 -2.97 1.66
O5' AP7 A 7 -2.45 -2.98 2.28
OP1 AP7 A 7 -1.45 -3.03 4.65
OP2 AP7 A 7 -3.48 -4.45 3.98
P AP7 A 7 -2.70 -3.19 3.85
H1' AP7 A 7 -1.63 0.21 -1.32
H1 AP7 A 7 2.35 4.98 -1.95
H2 AP7 A 7 1.00 3.79 -3.49
H61 AP7 A 7 2.83 4.17 1.48
H62 AP7 A 7 3.20 5.27 0.20
H8 AP7 A 7 0.06 0.17 1.74
H2' AP7 A 7 0.57 -1.03 -2.22
HO2' AP7 A 7 -1.21 -2.63 -2.91
H3' AP7 A 7 0.91 -2.28 -0.10
H4' AP7 A 7 -2.05 -2.95 -0.27
H5'' AP7 A 7 -0.45 -2.37 2.25
H5' AP7 A 7 -0.75 -4.00 1.62
C1' AP7 A 7 -1.02 -0.23 -0.74
N1 AP7 A 7 1.76 4.12 -1.71
C2 AP7 A 7 0.98 3.36 -2.52
N3 AP7 A 7 0.29 2.25 -2.23
C4 AP7 A 7 0.43 1.93 -0.93
C5 AP7 A 7 1.17 2.61 0.02
C6 AP7 A 7 1.86 3.77 -0.40
N6 AP7 A 7 2.58 4.52 0.44
N7 AP7 A 7 1.08 1.96 1.26
C8 AP7 A 7 0.29 0.94 1.02
N9 AP7 A 7 -0.13 0.84 -0.26
C2' AP7 A 7 -0.48 -1.36 -1.60
O2' AP7 A 7 -1.52 -1.73 -2.50
C3' AP7 A 7 -0.17 -2.43 -0.55
O3' AP7 A 7 -0.07 -3.77 -1.11
C4' AP7 A 7 -1.40 -2.32 0.38
O4' AP7 A 7 -1.64 -0.87 0.39
C5' AP7 A 7 -1.28 -2.85 1.81
O5' AP7 A 7 -2.58 -2.84 2.45
OP1 AP7 A 7 -1.54 -2.92 4.80
OP2 AP7 A 7 -3.66 -4.22 4.18
P AP7 A 7 -2.81 -3.01 4.03
H1' AP7 A 7 -1.78 0.25 -1.25
H1 AP7 A 7 2.28 4.94 -2.04
H2 AP7 A 7 0.89 3.70 -3.57
H61 AP7 A 7 2.65 4.28 1.41
H62 AP7 A 7 3.05 5.33 0.09
H8 AP7 A 7 -0.05 0.28 1.79
H2' AP7 A 7 0.41 -1.04 -2.14
HO2' AP7 A 7 -1.45 -2.66 -2.71
H3' AP7 A 7 0.76 -2.24 0.01
H4' AP7 A 7 -2.21 -2.89 -0.10
H5'' AP7 A 7 -0.58 -2.22 2.37
H5' AP7 A 7 -0.89 -3.88 1.81
C1' AP7 A 7 -0.85 -0.26 -0.73
N1 AP7 A 7 1.88 4.12 -1.49
C2 AP7 A 7 1.12 3.36 -2.33
N3 AP7 A 7 0.44 2.24 -2.06
C4 AP7 A 7 0.58 1.88 -0.76
C5 AP7 A 7 1.30 2.54 0.20
C6 AP7 A 7 1.98 3.72 -0.19
N6 AP7 A 7 2.69 4.46 0.67
N7 AP7 A 7 1.22 1.88 1.42
C8 AP7 A 7 0.45 0.85 1.16
N9 AP7 A 7 0.04 0.77 -0.14
C2' AP7 A 7 -0.26 -1.41 -1.53
O2' AP7 A 7 -1.20 -1.70 -2.56
C3' AP7 A 7 -0.18 -2.52 -0.46
O3' AP7 A 7 -0.06 -3.86 -1.03
C4' AP7 A 7 -1.54 -2.33 0.25
O4' AP7 A 7 -1.64 -0.86 0.30
C5' AP7 A 7 -1.75 -2.94 1.65
O5' AP7 A 7 -0.74 -2.46 2.59
OP1 AP7 A 7 0.44 -2.20 4.75
OP2 AP7 A 7 -1.16 -4.17 4.40
P AP7 A 7 -0.82 -2.74 4.16
H1' AP7 A 7 -1.49 0.26 -1.34
H1 AP7 A 7 2.36 4.96 -1.81
H2 AP7 A 7 1.05 3.72 -3.37
H61 AP7 A 7 2.77 4.21 1.64
H62 AP7 A 7 3.15 5.31 0.35
H8 AP7 A 7 0.11 0.15 1.93
H2' AP7 A 7 0.70 -1.17 -1.92
HO2' AP7 A 7 -1.28 -2.66 -2.67
H3' AP7 A 7 0.65 -2.40 0.24
H4' AP7 A 7 -2.30 -2.79 -0.41
H5'' AP7 A 7 -1.70 -4.04 1.57
H5' AP7 A 7 -2.75 -2.67 2.02
C1' AP7 A 7 -0.93 -0.05 -0.86
N1 AP7 A 7 1.98 4.25 -1.75
C2 AP7 A 7 1.18 3.53 -2.58
N3 AP7 A 7 0.46 2.45 -2.31
C4 AP7 A 7 0.58 2.08 -1.01
C5 AP7 A 7 1.34 2.72 -0.05
C6 AP7 A 7 2.08 3.86 -0.45
N6 AP7 A 7 2.84 4.56 0.39
N7 AP7 A 7 1.23 2.06 1.17
C8 AP7 A 7 0.41 1.06 0.92
N9 AP7 A 7 0.00 1.00 -0.37
C2' AP7 A 7 -0.42 -1.17 -1.76
O2' AP7 A 7 -1.48 -1.49 -2.65
C3' AP7 A 7 -0.15 -2.28 -0.72
O3' AP7 A 7 -0.10 -3.61 -1.30
C4' AP7 A 7 -1.37 -2.15 0.20
O4' AP7 A 7 -1.55 -0.69 0.26
C5' AP7 A 7 -1.28 -2.72 1.63
O5' AP7 A 7 -2.58 -2.69 2.25
OP1 AP7 A 7 -1.55 -2.80 4.61
OP2 AP7 A 7 -3.68 -4.09 3.96
P AP7 A 7 -2.83 -2.87 3.83
H1' AP7 A 7 -1.68 0.46 -1.37
H1 AP7 A 7 2.50 5.07 -2.08
H2 AP7 A 7 1.11 3.89 -3.62
H61 AP7 A 7 2.93 4.29 1.36
H62 AP7 A 7 3.33 5.38 0.06
H8 AP7 A 7 0.05 0.38 1.67
H2' AP7 A 7 0.48 -0.88 -2.27
HO2' AP7 A 7 -1.34 -2.37 -3.01
H3' AP7 A 7 0.78 -2.13 -0.15
H4' AP7 A 7 -2.21 -2.67 -0.29
H5'' AP7 A 7 -0.57 -2.13 2.21
H5' AP7 A 7 -0.92 -3.76 1.59
C1' AP7 A 7 -0.89 -0.25 -0.96
N1 AP7 A 7 1.94 4.03 -1.81
C2 AP7 A 7 1.19 3.26 -2.65
N3 AP7 A 7 0.48 2.16 -2.35
C4 AP7 A 7 0.58 1.86 -1.04
C5 AP7 A 7 1.29 2.55 -0.08
C6 AP7 A 7 2.01 3.70 -0.50
N6 AP7 A 7 2.73 4.46 0.33
N7 AP7 A 7 1.17 1.93 1.16
C8 AP7 A 7 0.39 0.90 0.93
N9 AP7 A 7 -0.01 0.78 -0.37
C2' AP7 A 7 -0.32 -1.45 -1.70
O2' AP7 A 7 -1.23 -1.73 -2.77
C3' AP7 A 7 -0.34 -2.53 -0.60
O3' AP7 A 7 -0.25 -3.88 -1.12
C4' AP7 A 7 -1.73 -2.27 0.02
O4' AP7 A 7 -1.74 -0.79 0.06
C5' AP7 A 7 -2.07 -2.87 1.40
O5' AP7 A 7 -1.16 -2.41 2.42
OP1 AP7 A 7 -0.21 -2.12 4.70
OP2 AP7 A 7 -1.82 -4.05 4.22
P AP7 A 7 -1.41 -2.63 3.99
H1' AP7 A 7 -1.51 0.26 -1.62
H1 AP7 A 7 2.45 4.86 -2.16
H2 AP7 A 7 1.17 3.57 -3.70
H61 AP7 A 7 2.79 4.23 1.32
H62 AP7 A 7 3.22 5.26 -0.01
H8 AP7 A 7 0.02 0.24 1.70
H2' AP7 A 7 0.66 -1.26 -2.06
HO2' AP7 A 7 -1.40 -2.67 -2.83
H3' AP7 A 7 0.46 -2.39 0.15
H4' AP7 A 7 -2.46 -2.67 -0.70
H5'' AP7 A 7 -2.04 -3.96 1.33
H5' AP7 A 7 -3.10 -2.58 1.66
C1' AP7 A 7 -0.76 -0.61 -0.70
N1 AP7 A 7 1.63 3.96 -1.70
C2 AP7 A 7 0.93 3.13 -2.50
N3 AP7 A 7 0.33 1.97 -2.20
C4 AP7 A 7 0.49 1.67 -0.89
C5 AP7 A 7 1.17 2.41 0.05
C6 AP7 A 7 1.78 3.62 -0.38
N6 AP7 A 7 2.48 4.41 0.43
N7 AP7 A 7 1.14 1.78 1.29
C8 AP7 A 7 0.43 0.70 1.08
N9 AP7 A 7 0.03 0.54 -0.21
C2' AP7 A 7 -0.09 -1.70 -1.54
O2' AP7 A 7 -1.07 -2.17 -2.46
C3' AP7 A 7 0.26 -2.74 -0.44
O3' AP7 A 7 0.48 -4.08 -0.97
C4' AP7 A 7 -1.01 -2.71 0.42
O4' AP7 A 7 -1.35 -1.28 0.42
C5' AP7 A 7 -0.93 -3.23 1.86
O5' AP7 A 7 -2.26 -3.41 2.38
OP1 AP7 A 7 -1.35 -3.66 4.77
OP2 AP7 A 7 -3.51 -4.79 3.99
P AP7 A 7 -2.58 -3.63 3.94
H1' AP7 A 7 -1.53 -0.22 -1.25
H1 AP7 A 7 2.08 4.82 -2.05
H2 AP7 A 7 0.81 3.45 -3.55
H61 AP7 A 7 2.61 4.18 1.41
H62 AP7 A 7 2.88 5.26 0.08
H8 AP7 A 7 0.11 0.02 1.85
H2' AP7 A 7 0.79 -1.32 -2.03
HO2' AP7 A 7 -0.94 -3.09 -2.62
H3' AP7 A 7 1.14 -2.45 0.15
H4' AP7 A 7 -1.76 -3.33 -0.09
H5'' AP7 A 7 -0.37 -2.52 2.48
H5' AP7 A 7 -0.40 -4.20 1.87
#